data_2XX6
#
_entry.id   2XX6
#
_cell.length_a   102.763
_cell.length_b   102.763
_cell.length_c   86.174
_cell.angle_alpha   90.00
_cell.angle_beta   90.00
_cell.angle_gamma   120.00
#
_symmetry.space_group_name_H-M   'P 63'
#
loop_
_entity.id
_entity.type
_entity.pdbx_description
1 polymer "SPBC2 PROPHAGE-DERIVED DEOXYURIDINE 5'-TRIPHOSPHATE NUCLEOTIDOHYDROLASE YOSS"
2 water water
#
_entity_poly.entity_id   1
_entity_poly.type   'polypeptide(L)'
_entity_poly.pdbx_seq_one_letter_code
;MQIKIKYLDETQTRINKMEQGDWIDLRAAEDVAIKKDEFKLVPLGVAMELPEGYEAHVVPRSSTYKNFGVIQTNSMGVID
ESYKGDNDFWFFPAYALRDTKIKKGDRICQFRIMKKMPAVDLIEVDRLGNGDRGGHGSTGTK
;
_entity_poly.pdbx_strand_id   A,B,C,D
#
# COMPACT_ATOMS: atom_id res chain seq x y z
N MET A 1 9.92 10.81 15.36
CA MET A 1 9.05 11.91 14.89
C MET A 1 7.58 11.52 15.15
N GLN A 2 6.67 12.49 15.14
CA GLN A 2 5.28 12.17 15.51
C GLN A 2 4.26 12.73 14.55
N ILE A 3 3.16 12.00 14.44
CA ILE A 3 1.93 12.46 13.83
C ILE A 3 0.85 12.61 14.90
N LYS A 4 0.20 13.76 14.93
CA LYS A 4 -0.92 13.97 15.85
C LYS A 4 -2.18 13.62 15.12
N ILE A 5 -3.03 12.80 15.75
CA ILE A 5 -4.26 12.32 15.11
C ILE A 5 -5.48 12.63 15.94
N LYS A 6 -6.46 13.19 15.25
CA LYS A 6 -7.76 13.51 15.80
C LYS A 6 -8.81 12.64 15.14
N TYR A 7 -9.63 11.95 15.92
CA TYR A 7 -10.69 11.13 15.37
C TYR A 7 -11.98 11.90 15.28
N LEU A 8 -12.73 11.68 14.22
CA LEU A 8 -14.04 12.30 14.05
C LEU A 8 -14.97 12.13 15.25
N ASP A 9 -14.99 10.90 15.80
CA ASP A 9 -15.79 10.62 16.93
C ASP A 9 -15.34 9.36 17.65
N GLU A 10 -16.09 9.02 18.69
CA GLU A 10 -15.64 8.03 19.64
C GLU A 10 -15.74 6.63 19.08
N THR A 11 -16.47 6.47 17.98
CA THR A 11 -16.70 5.17 17.39
C THR A 11 -15.63 4.83 16.37
N GLN A 12 -14.72 5.72 16.05
CA GLN A 12 -13.66 5.42 15.07
C GLN A 12 -12.64 4.46 15.72
N THR A 13 -12.19 3.47 14.93
CA THR A 13 -11.18 2.54 15.38
C THR A 13 -9.86 3.27 15.52
N ARG A 14 -9.29 3.17 16.71
CA ARG A 14 -8.00 3.82 16.90
C ARG A 14 -6.88 3.07 16.22
N ILE A 15 -5.90 3.88 15.77
CA ILE A 15 -4.66 3.40 15.19
C ILE A 15 -3.45 4.03 15.93
N ASN A 16 -3.68 4.56 17.12
CA ASN A 16 -2.58 5.05 17.96
C ASN A 16 -1.51 3.98 18.18
N LYS A 17 -0.29 4.30 17.79
CA LYS A 17 0.82 3.41 18.06
C LYS A 17 2.11 4.19 18.22
N MET A 18 2.92 3.75 19.16
CA MET A 18 4.31 4.21 19.25
C MET A 18 5.19 3.38 18.28
N GLU A 19 6.17 4.00 17.61
CA GLU A 19 7.16 3.29 16.73
C GLU A 19 6.55 2.59 15.52
N GLN A 20 5.54 3.21 14.93
CA GLN A 20 4.83 2.65 13.79
C GLN A 20 5.72 2.82 12.58
N GLY A 21 6.07 1.77 11.85
CA GLY A 21 6.93 1.93 10.67
C GLY A 21 6.57 1.35 9.29
N ASP A 22 5.41 0.83 9.14
CA ASP A 22 5.14 0.17 7.88
C ASP A 22 3.91 0.96 7.53
N TRP A 23 3.35 0.78 6.38
CA TRP A 23 2.15 1.54 6.00
C TRP A 23 1.04 1.34 7.05
N ILE A 24 0.22 2.35 7.24
CA ILE A 24 -0.79 2.40 8.31
C ILE A 24 -2.17 2.32 7.68
N ASP A 25 -3.00 1.42 8.22
CA ASP A 25 -4.34 1.17 7.59
C ASP A 25 -5.36 2.23 8.05
N LEU A 26 -6.20 2.66 7.11
CA LEU A 26 -7.27 3.59 7.33
C LEU A 26 -8.61 2.92 7.03
N ARG A 27 -9.64 3.33 7.78
CA ARG A 27 -10.95 2.67 7.87
C ARG A 27 -12.10 3.59 7.54
N ALA A 28 -13.14 3.02 6.94
CA ALA A 28 -14.35 3.71 6.71
C ALA A 28 -14.96 4.20 8.01
N ALA A 29 -15.35 5.48 8.04
CA ALA A 29 -15.86 6.11 9.30
C ALA A 29 -17.37 5.84 9.55
N GLU A 30 -18.06 5.29 8.55
CA GLU A 30 -19.46 4.97 8.61
C GLU A 30 -19.81 4.01 7.50
N ASP A 31 -20.97 3.39 7.60
CA ASP A 31 -21.36 2.45 6.59
C ASP A 31 -21.66 3.23 5.33
N VAL A 32 -21.25 2.74 4.17
CA VAL A 32 -21.52 3.43 2.90
C VAL A 32 -21.96 2.38 1.88
N ALA A 33 -23.03 2.63 1.14
CA ALA A 33 -23.50 1.76 0.09
C ALA A 33 -23.21 2.47 -1.22
N ILE A 34 -22.59 1.79 -2.18
CA ILE A 34 -22.23 2.45 -3.44
C ILE A 34 -22.75 1.55 -4.52
N LYS A 35 -23.50 2.09 -5.47
CA LYS A 35 -24.06 1.28 -6.57
C LYS A 35 -23.16 1.22 -7.80
N LYS A 36 -23.07 0.09 -8.44
CA LYS A 36 -22.14 -0.08 -9.53
C LYS A 36 -22.13 1.14 -10.42
N ASP A 37 -20.92 1.57 -10.76
CA ASP A 37 -20.64 2.74 -11.58
C ASP A 37 -21.07 4.07 -10.98
N GLU A 38 -21.12 4.10 -9.66
CA GLU A 38 -21.26 5.35 -8.94
C GLU A 38 -20.05 5.56 -8.04
N PHE A 39 -20.02 6.79 -7.53
CA PHE A 39 -18.88 7.36 -6.84
C PHE A 39 -19.34 7.80 -5.46
N LYS A 40 -18.48 7.65 -4.46
CA LYS A 40 -18.75 8.16 -3.13
C LYS A 40 -17.45 8.53 -2.48
N LEU A 41 -17.39 9.72 -1.88
CA LEU A 41 -16.26 10.12 -1.05
C LEU A 41 -16.42 9.49 0.32
N VAL A 42 -15.65 8.45 0.60
CA VAL A 42 -15.85 7.64 1.79
C VAL A 42 -15.05 8.35 2.93
N PRO A 43 -15.75 8.77 4.02
CA PRO A 43 -14.91 9.41 5.07
C PRO A 43 -14.08 8.37 5.79
N LEU A 44 -12.85 8.74 6.20
CA LEU A 44 -11.96 7.88 6.91
C LEU A 44 -11.88 8.23 8.40
N GLY A 45 -12.47 9.33 8.80
CA GLY A 45 -12.70 9.58 10.24
C GLY A 45 -11.51 10.09 11.02
N VAL A 46 -10.51 10.58 10.31
CA VAL A 46 -9.26 10.96 10.89
C VAL A 46 -8.83 12.27 10.30
N ALA A 47 -8.20 13.10 11.15
CA ALA A 47 -7.51 14.34 10.73
C ALA A 47 -6.15 14.28 11.40
N MET A 48 -5.10 14.83 10.76
CA MET A 48 -3.70 14.68 11.24
C MET A 48 -2.86 15.89 11.01
N GLU A 49 -1.91 16.10 11.93
CA GLU A 49 -0.83 17.00 11.76
C GLU A 49 0.42 16.14 11.56
N LEU A 50 0.89 16.16 10.31
CA LEU A 50 2.08 15.49 9.84
C LEU A 50 3.33 16.28 10.28
N PRO A 51 4.48 15.58 10.46
CA PRO A 51 5.74 16.26 10.77
C PRO A 51 6.05 17.27 9.71
N GLU A 52 6.69 18.33 10.15
CA GLU A 52 7.05 19.39 9.28
C GLU A 52 7.92 18.89 8.14
N GLY A 53 7.55 19.28 6.95
CA GLY A 53 8.36 19.01 5.76
C GLY A 53 8.02 17.63 5.19
N TYR A 54 6.93 17.01 5.66
CA TYR A 54 6.47 15.68 5.16
C TYR A 54 5.10 15.77 4.50
N GLU A 55 4.83 14.75 3.72
CA GLU A 55 3.53 14.54 3.18
C GLU A 55 3.14 13.08 3.34
N ALA A 56 1.82 12.84 3.22
CA ALA A 56 1.31 11.50 3.26
C ALA A 56 0.87 11.08 1.86
N HIS A 57 1.08 9.79 1.59
CA HIS A 57 0.55 9.10 0.39
C HIS A 57 -0.44 8.05 0.77
N VAL A 58 -1.60 8.05 0.09
CA VAL A 58 -2.72 7.18 0.40
C VAL A 58 -3.09 6.37 -0.81
N VAL A 59 -3.02 5.06 -0.67
CA VAL A 59 -3.43 4.12 -1.76
C VAL A 59 -4.36 3.07 -1.22
N PRO A 60 -5.13 2.35 -2.09
CA PRO A 60 -5.94 1.23 -1.65
C PRO A 60 -5.04 0.15 -1.00
N ARG A 61 -5.64 -0.63 -0.12
CA ARG A 61 -4.97 -1.85 0.36
C ARG A 61 -5.05 -2.85 -0.77
N SER A 62 -4.10 -3.82 -0.77
CA SER A 62 -4.13 -4.87 -1.78
CA SER A 62 -4.11 -4.93 -1.74
C SER A 62 -5.48 -5.63 -1.91
N SER A 63 -6.20 -5.84 -0.82
CA SER A 63 -7.44 -6.54 -0.79
C SER A 63 -8.71 -5.69 -1.04
N THR A 64 -8.57 -4.35 -1.17
CA THR A 64 -9.73 -3.45 -1.30
C THR A 64 -10.65 -3.77 -2.46
N TYR A 65 -10.04 -4.02 -3.62
CA TYR A 65 -10.87 -4.40 -4.80
C TYR A 65 -11.59 -5.76 -4.60
N LYS A 66 -10.85 -6.78 -4.20
CA LYS A 66 -11.44 -8.08 -3.90
C LYS A 66 -12.58 -7.95 -2.88
N ASN A 67 -12.35 -7.25 -1.79
CA ASN A 67 -13.32 -7.19 -0.73
C ASN A 67 -14.54 -6.30 -1.03
N PHE A 68 -14.29 -5.14 -1.67
CA PHE A 68 -15.29 -4.07 -1.75
C PHE A 68 -15.60 -3.55 -3.13
N GLY A 69 -14.87 -4.03 -4.14
CA GLY A 69 -15.20 -3.76 -5.54
C GLY A 69 -15.01 -2.27 -5.91
N VAL A 70 -14.16 -1.54 -5.18
CA VAL A 70 -13.91 -0.16 -5.53
C VAL A 70 -12.44 0.13 -5.96
N ILE A 71 -12.28 1.19 -6.75
CA ILE A 71 -11.01 1.81 -7.08
C ILE A 71 -10.95 3.24 -6.48
N GLN A 72 -9.74 3.78 -6.32
CA GLN A 72 -9.53 5.12 -5.80
C GLN A 72 -9.32 6.01 -7.01
N THR A 73 -10.23 6.96 -7.17
CA THR A 73 -10.28 7.67 -8.46
C THR A 73 -9.09 8.62 -8.63
N ASN A 74 -8.45 9.06 -7.55
CA ASN A 74 -7.24 9.93 -7.66
C ASN A 74 -5.92 9.20 -7.80
N SER A 75 -5.99 7.89 -7.93
CA SER A 75 -4.86 6.96 -7.92
C SER A 75 -4.19 6.88 -6.55
N MET A 76 -3.51 7.95 -6.18
CA MET A 76 -2.80 8.02 -4.91
C MET A 76 -3.15 9.43 -4.40
N GLY A 77 -3.62 9.53 -3.15
CA GLY A 77 -3.86 10.78 -2.47
C GLY A 77 -2.56 11.32 -1.94
N VAL A 78 -2.39 12.64 -2.06
CA VAL A 78 -1.24 13.35 -1.54
C VAL A 78 -1.78 14.35 -0.48
N ILE A 79 -1.39 14.15 0.75
CA ILE A 79 -1.85 14.97 1.88
C ILE A 79 -0.67 15.79 2.37
N ASP A 80 -0.73 17.08 2.13
CA ASP A 80 0.42 17.95 2.49
C ASP A 80 0.45 18.23 4.03
N GLU A 81 1.62 18.55 4.54
CA GLU A 81 1.77 18.98 5.92
C GLU A 81 0.81 20.16 6.30
N SER A 82 0.41 20.97 5.33
CA SER A 82 -0.48 22.12 5.66
C SER A 82 -1.92 21.73 5.96
N TYR A 83 -2.31 20.50 5.61
CA TYR A 83 -3.67 20.01 5.77
C TYR A 83 -3.81 19.42 7.21
N LYS A 84 -3.76 20.32 8.19
CA LYS A 84 -3.58 19.93 9.58
C LYS A 84 -4.60 20.61 10.53
N GLY A 85 -5.69 21.09 10.00
CA GLY A 85 -6.61 21.86 10.77
C GLY A 85 -7.57 20.94 11.46
N ASP A 86 -8.26 21.51 12.43
CA ASP A 86 -9.23 20.74 13.19
C ASP A 86 -10.42 20.11 12.40
N ASN A 87 -10.76 20.62 11.22
CA ASN A 87 -11.79 19.96 10.35
C ASN A 87 -11.22 19.42 9.06
N ASP A 88 -9.89 19.22 9.01
CA ASP A 88 -9.25 18.68 7.80
C ASP A 88 -9.27 17.16 7.81
N PHE A 89 -10.46 16.63 7.70
CA PHE A 89 -10.65 15.20 7.73
C PHE A 89 -10.27 14.54 6.36
N TRP A 90 -9.89 13.26 6.43
CA TRP A 90 -9.43 12.52 5.28
C TRP A 90 -10.58 11.69 4.72
N PHE A 91 -10.55 11.52 3.39
CA PHE A 91 -11.57 10.79 2.59
C PHE A 91 -10.92 9.91 1.56
N PHE A 92 -11.57 8.78 1.25
CA PHE A 92 -11.18 7.88 0.18
C PHE A 92 -12.15 8.03 -0.97
N PRO A 93 -11.68 8.55 -2.14
CA PRO A 93 -12.63 8.74 -3.26
C PRO A 93 -12.88 7.43 -4.04
N ALA A 94 -14.02 6.79 -3.83
CA ALA A 94 -14.31 5.40 -4.22
C ALA A 94 -15.17 5.42 -5.43
N TYR A 95 -14.78 4.69 -6.51
CA TYR A 95 -15.62 4.46 -7.62
C TYR A 95 -15.88 2.93 -7.65
N ALA A 96 -17.15 2.55 -7.61
CA ALA A 96 -17.56 1.12 -7.51
C ALA A 96 -17.75 0.46 -8.86
N LEU A 97 -17.07 -0.67 -9.07
CA LEU A 97 -17.16 -1.45 -10.31
C LEU A 97 -18.14 -2.56 -10.15
N ARG A 98 -18.76 -2.60 -8.98
CA ARG A 98 -19.90 -3.49 -8.70
C ARG A 98 -20.67 -2.94 -7.50
N ASP A 99 -21.94 -3.33 -7.32
CA ASP A 99 -22.68 -2.97 -6.12
C ASP A 99 -21.91 -3.42 -4.90
N THR A 100 -21.81 -2.51 -3.93
CA THR A 100 -21.01 -2.79 -2.74
C THR A 100 -21.53 -2.06 -1.50
N LYS A 101 -21.27 -2.65 -0.38
CA LYS A 101 -21.47 -2.02 0.90
C LYS A 101 -20.16 -2.14 1.69
N ILE A 102 -19.72 -0.99 2.21
CA ILE A 102 -18.57 -0.91 3.06
C ILE A 102 -19.13 -0.62 4.43
N LYS A 103 -18.58 -1.24 5.48
CA LYS A 103 -19.08 -1.06 6.84
C LYS A 103 -18.11 -0.23 7.64
N LYS A 104 -18.67 0.56 8.61
CA LYS A 104 -17.87 1.32 9.56
C LYS A 104 -16.77 0.39 10.06
N GLY A 105 -15.53 0.85 10.04
CA GLY A 105 -14.42 0.08 10.58
C GLY A 105 -13.73 -0.77 9.55
N ASP A 106 -14.28 -0.88 8.32
CA ASP A 106 -13.61 -1.73 7.28
C ASP A 106 -12.33 -1.04 6.83
N ARG A 107 -11.22 -1.78 6.79
CA ARG A 107 -9.94 -1.22 6.32
C ARG A 107 -10.02 -1.16 4.80
N ILE A 108 -9.94 0.05 4.25
CA ILE A 108 -10.10 0.26 2.83
C ILE A 108 -8.88 0.87 2.13
N CYS A 109 -7.99 1.55 2.84
CA CYS A 109 -6.80 2.12 2.26
C CYS A 109 -5.72 2.20 3.32
N GLN A 110 -4.57 2.67 2.88
CA GLN A 110 -3.37 2.70 3.72
C GLN A 110 -2.55 3.90 3.35
N PHE A 111 -1.74 4.33 4.29
CA PHE A 111 -0.86 5.47 4.12
C PHE A 111 0.52 5.31 4.68
N ARG A 112 1.45 6.10 4.12
CA ARG A 112 2.77 6.31 4.72
C ARG A 112 3.12 7.79 4.54
N ILE A 113 4.12 8.21 5.29
CA ILE A 113 4.68 9.53 5.05
C ILE A 113 5.94 9.45 4.24
N MET A 114 6.22 10.58 3.55
CA MET A 114 7.39 10.77 2.69
C MET A 114 7.88 12.17 2.88
N LYS A 115 9.19 12.40 2.92
CA LYS A 115 9.69 13.77 2.87
C LYS A 115 9.24 14.45 1.53
N LYS A 116 8.83 15.68 1.62
CA LYS A 116 8.46 16.49 0.48
C LYS A 116 9.66 16.77 -0.36
N MET A 117 9.41 17.04 -1.63
CA MET A 117 10.52 17.26 -2.54
C MET A 117 11.28 18.51 -2.15
N PRO A 118 12.56 18.57 -2.55
CA PRO A 118 13.35 19.74 -2.39
C PRO A 118 12.79 20.99 -3.06
N ALA A 119 13.22 22.17 -2.59
CA ALA A 119 13.00 23.42 -3.34
C ALA A 119 13.50 23.24 -4.76
N VAL A 120 12.68 23.58 -5.74
CA VAL A 120 13.04 23.48 -7.17
C VAL A 120 12.70 24.79 -7.87
N ASP A 121 13.56 25.28 -8.76
CA ASP A 121 13.23 26.49 -9.51
C ASP A 121 12.98 26.10 -10.95
N LEU A 122 11.81 26.46 -11.47
CA LEU A 122 11.47 26.15 -12.84
C LEU A 122 12.01 27.31 -13.70
N ILE A 123 12.94 27.00 -14.59
CA ILE A 123 13.53 27.98 -15.48
C ILE A 123 13.05 27.73 -16.91
N GLU A 124 12.36 28.71 -17.49
CA GLU A 124 11.81 28.50 -18.81
C GLU A 124 12.94 28.63 -19.82
N VAL A 125 12.97 27.71 -20.80
CA VAL A 125 13.94 27.78 -21.84
C VAL A 125 13.25 27.61 -23.17
N ASP A 126 13.89 28.08 -24.23
CA ASP A 126 13.26 27.94 -25.57
C ASP A 126 13.56 26.57 -26.28
N ARG A 127 14.57 25.85 -25.80
CA ARG A 127 14.83 24.53 -26.34
C ARG A 127 15.52 23.63 -25.32
N LEU A 128 15.32 22.33 -25.44
CA LEU A 128 16.08 21.35 -24.59
C LEU A 128 17.08 20.49 -25.42
N MET B 1 24.15 -3.32 -2.13
CA MET B 1 22.73 -3.54 -2.34
C MET B 1 22.37 -4.55 -3.45
N GLN B 2 21.57 -5.54 -3.05
CA GLN B 2 21.14 -6.63 -3.91
C GLN B 2 19.69 -6.96 -3.72
N ILE B 3 19.09 -7.43 -4.79
CA ILE B 3 17.79 -8.08 -4.76
C ILE B 3 18.01 -9.50 -5.23
N LYS B 4 17.52 -10.47 -4.46
CA LYS B 4 17.59 -11.85 -4.93
C LYS B 4 16.27 -12.14 -5.59
N ILE B 5 16.28 -12.68 -6.80
CA ILE B 5 15.09 -12.98 -7.58
C ILE B 5 14.97 -14.40 -8.00
N LYS B 6 13.81 -14.99 -7.69
CA LYS B 6 13.46 -16.34 -8.11
C LYS B 6 12.35 -16.22 -9.11
N TYR B 7 12.44 -17.01 -10.19
CA TYR B 7 11.46 -17.07 -11.23
C TYR B 7 10.60 -18.32 -11.09
N LEU B 8 9.36 -18.25 -11.55
CA LEU B 8 8.42 -19.34 -11.45
C LEU B 8 8.99 -20.57 -12.12
N ASP B 9 9.64 -20.40 -13.28
CA ASP B 9 10.17 -21.49 -14.04
C ASP B 9 11.07 -20.94 -15.12
N GLU B 10 11.67 -21.84 -15.90
CA GLU B 10 12.74 -21.48 -16.81
C GLU B 10 12.17 -20.77 -18.02
N THR B 11 10.85 -20.86 -18.25
CA THR B 11 10.22 -20.11 -19.37
C THR B 11 10.01 -18.63 -19.15
N GLN B 12 10.10 -18.19 -17.90
CA GLN B 12 9.94 -16.77 -17.58
C GLN B 12 11.06 -15.95 -18.20
N THR B 13 10.68 -14.80 -18.77
CA THR B 13 11.70 -13.88 -19.29
C THR B 13 12.46 -13.25 -18.16
N ARG B 14 13.77 -13.38 -18.15
CA ARG B 14 14.53 -12.87 -17.09
C ARG B 14 14.64 -11.35 -17.24
N ILE B 15 14.67 -10.72 -16.08
CA ILE B 15 14.72 -9.27 -15.99
C ILE B 15 16.03 -8.69 -16.42
N ASN B 16 15.85 -7.63 -17.23
CA ASN B 16 16.89 -6.64 -17.57
C ASN B 16 17.77 -6.15 -16.41
N GLY B 21 19.24 2.82 -12.23
CA GLY B 21 18.21 3.37 -11.32
C GLY B 21 16.82 3.54 -11.93
N ASP B 22 16.66 3.27 -13.21
CA ASP B 22 15.32 3.19 -13.83
C ASP B 22 14.40 2.18 -13.21
N TRP B 23 13.13 2.46 -13.28
CA TRP B 23 12.12 1.42 -12.89
C TRP B 23 12.30 0.17 -13.75
N ILE B 24 12.05 -0.98 -13.14
CA ILE B 24 12.26 -2.31 -13.72
C ILE B 24 10.95 -2.95 -14.18
N ASP B 25 10.94 -3.39 -15.45
CA ASP B 25 9.74 -3.98 -16.07
C ASP B 25 9.50 -5.41 -15.60
N LEU B 26 8.23 -5.68 -15.28
CA LEU B 26 7.75 -6.99 -14.89
C LEU B 26 6.79 -7.46 -16.00
N ARG B 27 6.74 -8.79 -16.19
CA ARG B 27 6.05 -9.41 -17.31
C ARG B 27 5.06 -10.49 -16.91
N ALA B 28 4.00 -10.62 -17.71
CA ALA B 28 3.04 -11.72 -17.50
C ALA B 28 3.72 -13.08 -17.48
N ALA B 29 3.38 -13.94 -16.52
CA ALA B 29 4.01 -15.30 -16.40
C ALA B 29 3.34 -16.38 -17.22
N GLU B 30 2.18 -16.03 -17.77
CA GLU B 30 1.40 -16.92 -18.62
C GLU B 30 0.45 -16.08 -19.43
N ASP B 31 -0.06 -16.66 -20.51
CA ASP B 31 -1.09 -16.04 -21.32
C ASP B 31 -2.36 -15.89 -20.46
N VAL B 32 -3.01 -14.73 -20.54
CA VAL B 32 -4.20 -14.47 -19.72
C VAL B 32 -5.22 -13.74 -20.60
N ALA B 33 -6.46 -14.23 -20.61
CA ALA B 33 -7.53 -13.54 -21.36
C ALA B 33 -8.47 -12.93 -20.33
N ILE B 34 -8.86 -11.66 -20.49
CA ILE B 34 -9.80 -10.98 -19.56
C ILE B 34 -10.92 -10.34 -20.39
N LYS B 35 -12.17 -10.67 -20.10
CA LYS B 35 -13.29 -10.05 -20.76
C LYS B 35 -13.47 -8.63 -20.24
N LYS B 36 -14.14 -7.82 -21.08
CA LYS B 36 -14.50 -6.49 -20.70
C LYS B 36 -15.22 -6.47 -19.36
N ASP B 37 -14.76 -5.57 -18.48
CA ASP B 37 -15.36 -5.35 -17.18
C ASP B 37 -15.24 -6.55 -16.22
N GLU B 38 -14.21 -7.36 -16.42
CA GLU B 38 -13.84 -8.46 -15.56
C GLU B 38 -12.43 -8.23 -15.01
N PHE B 39 -12.13 -8.97 -13.96
CA PHE B 39 -10.89 -8.82 -13.20
C PHE B 39 -10.09 -10.11 -13.27
N LYS B 40 -8.76 -10.00 -13.34
CA LYS B 40 -7.88 -11.16 -13.14
C LYS B 40 -6.64 -10.77 -12.47
N LEU B 41 -6.19 -11.63 -11.55
CA LEU B 41 -4.89 -11.43 -10.92
C LEU B 41 -3.86 -12.05 -11.87
N VAL B 42 -3.07 -11.22 -12.53
CA VAL B 42 -2.13 -11.67 -13.53
C VAL B 42 -0.78 -12.03 -12.86
N PRO B 43 -0.39 -13.35 -12.90
CA PRO B 43 0.89 -13.68 -12.26
C PRO B 43 2.05 -13.00 -13.03
N LEU B 44 3.02 -12.55 -12.25
CA LEU B 44 4.24 -11.96 -12.80
C LEU B 44 5.47 -12.89 -12.73
N GLY B 45 5.29 -14.03 -12.08
CA GLY B 45 6.28 -15.15 -12.18
C GLY B 45 7.61 -14.85 -11.46
N VAL B 46 7.62 -13.88 -10.55
CA VAL B 46 8.81 -13.58 -9.76
C VAL B 46 8.48 -13.52 -8.32
N ALA B 47 9.44 -13.90 -7.49
CA ALA B 47 9.45 -13.72 -6.04
C ALA B 47 10.84 -13.13 -5.69
N MET B 48 10.86 -12.20 -4.75
CA MET B 48 12.11 -11.49 -4.46
C MET B 48 12.38 -11.31 -2.97
N GLU B 49 13.64 -11.38 -2.61
CA GLU B 49 14.20 -10.85 -1.34
C GLU B 49 14.77 -9.43 -1.57
N LEU B 50 14.00 -8.41 -1.13
CA LEU B 50 14.41 -7.03 -1.16
C LEU B 50 15.42 -6.73 -0.06
N PRO B 51 16.24 -5.70 -0.26
CA PRO B 51 17.18 -5.30 0.76
C PRO B 51 16.50 -4.86 2.05
N GLU B 52 17.20 -5.11 3.15
CA GLU B 52 16.66 -4.79 4.46
C GLU B 52 16.34 -3.32 4.51
N GLY B 53 15.14 -3.02 5.01
CA GLY B 53 14.70 -1.65 5.21
C GLY B 53 14.05 -1.02 4.03
N TYR B 54 13.79 -1.84 3.00
CA TYR B 54 13.15 -1.39 1.76
C TYR B 54 11.82 -2.03 1.49
N GLU B 55 11.06 -1.36 0.63
CA GLU B 55 9.82 -1.91 0.07
C GLU B 55 9.81 -1.68 -1.42
N ALA B 56 9.01 -2.42 -2.15
CA ALA B 56 8.89 -2.19 -3.61
C ALA B 56 7.53 -1.53 -3.90
N HIS B 57 7.47 -0.66 -4.91
CA HIS B 57 6.28 -0.05 -5.41
C HIS B 57 6.06 -0.51 -6.83
N VAL B 58 4.82 -0.94 -7.17
CA VAL B 58 4.51 -1.41 -8.50
C VAL B 58 3.36 -0.60 -9.12
N VAL B 59 3.61 -0.05 -10.30
CA VAL B 59 2.61 0.69 -11.11
C VAL B 59 2.55 0.13 -12.50
N PRO B 60 1.50 0.41 -13.22
CA PRO B 60 1.46 0.01 -14.61
C PRO B 60 2.51 0.77 -15.41
N ARG B 61 2.94 0.19 -16.53
CA ARG B 61 3.73 0.92 -17.49
C ARG B 61 2.81 1.95 -18.17
N SER B 62 3.35 3.06 -18.63
CA SER B 62 2.60 4.01 -19.32
CA SER B 62 2.66 4.03 -19.38
C SER B 62 1.84 3.42 -20.51
N SER B 63 2.45 2.45 -21.14
CA SER B 63 1.87 1.80 -22.30
C SER B 63 0.88 0.67 -22.02
N THR B 64 0.68 0.32 -20.76
CA THR B 64 -0.18 -0.83 -20.47
C THR B 64 -1.61 -0.63 -20.92
N TYR B 65 -2.16 0.57 -20.74
CA TYR B 65 -3.56 0.74 -21.15
C TYR B 65 -3.72 0.61 -22.68
N LYS B 66 -2.89 1.33 -23.45
CA LYS B 66 -2.94 1.23 -24.87
C LYS B 66 -2.71 -0.21 -25.35
N ASN B 67 -1.71 -0.89 -24.78
CA ASN B 67 -1.35 -2.23 -25.24
C ASN B 67 -2.43 -3.29 -24.88
N PHE B 68 -2.95 -3.17 -23.65
CA PHE B 68 -3.71 -4.22 -23.04
C PHE B 68 -5.12 -3.85 -22.54
N GLY B 69 -5.45 -2.57 -22.39
CA GLY B 69 -6.76 -2.15 -22.00
C GLY B 69 -7.08 -2.50 -20.55
N VAL B 70 -6.08 -2.57 -19.68
CA VAL B 70 -6.34 -2.88 -18.27
C VAL B 70 -5.83 -1.72 -17.42
N ILE B 71 -6.44 -1.59 -16.25
CA ILE B 71 -5.95 -0.72 -15.15
C ILE B 71 -5.61 -1.62 -13.93
N GLN B 72 -4.81 -1.07 -13.05
CA GLN B 72 -4.28 -1.78 -11.84
C GLN B 72 -5.22 -1.35 -10.69
N THR B 73 -5.99 -2.30 -10.17
CA THR B 73 -7.08 -1.95 -9.25
C THR B 73 -6.61 -1.40 -7.91
N ASN B 74 -5.42 -1.77 -7.45
CA ASN B 74 -4.90 -1.19 -6.21
C ASN B 74 -4.11 0.11 -6.40
N SER B 75 -4.11 0.67 -7.61
CA SER B 75 -3.35 1.84 -7.99
C SER B 75 -1.85 1.64 -8.01
N MET B 76 -1.29 1.40 -6.83
CA MET B 76 0.15 1.14 -6.68
C MET B 76 0.28 0.05 -5.67
N GLY B 77 1.00 -0.99 -5.99
CA GLY B 77 1.19 -2.11 -5.08
C GLY B 77 2.45 -1.88 -4.26
N VAL B 78 2.38 -2.25 -2.98
CA VAL B 78 3.43 -2.14 -2.02
C VAL B 78 3.84 -3.54 -1.57
N ILE B 79 5.09 -3.89 -1.76
CA ILE B 79 5.64 -5.13 -1.34
C ILE B 79 6.68 -4.88 -0.29
N ASP B 80 6.45 -5.41 0.90
CA ASP B 80 7.34 -5.23 2.03
C ASP B 80 8.53 -6.21 1.95
N GLU B 81 9.63 -5.77 2.58
CA GLU B 81 10.82 -6.59 2.74
C GLU B 81 10.51 -8.01 3.26
N SER B 82 9.49 -8.14 4.10
CA SER B 82 9.13 -9.42 4.68
C SER B 82 8.60 -10.43 3.70
N TYR B 83 8.17 -9.97 2.54
CA TYR B 83 7.54 -10.88 1.56
C TYR B 83 8.63 -11.50 0.70
N LYS B 84 9.41 -12.37 1.33
CA LYS B 84 10.65 -12.87 0.79
C LYS B 84 10.67 -14.38 0.78
N GLY B 85 9.51 -15.03 0.90
CA GLY B 85 9.46 -16.49 0.94
C GLY B 85 9.57 -17.17 -0.41
N ASP B 86 9.79 -18.47 -0.39
CA ASP B 86 9.94 -19.22 -1.63
C ASP B 86 8.69 -19.12 -2.51
N ASN B 87 7.50 -19.12 -1.90
CA ASN B 87 6.27 -19.08 -2.69
C ASN B 87 5.63 -17.71 -2.69
N ASP B 88 6.38 -16.66 -2.37
CA ASP B 88 5.84 -15.29 -2.32
C ASP B 88 5.91 -14.59 -3.68
N PHE B 89 5.21 -15.17 -4.65
CA PHE B 89 5.18 -14.62 -6.04
C PHE B 89 4.30 -13.41 -6.19
N TRP B 90 4.69 -12.56 -7.14
CA TRP B 90 4.01 -11.29 -7.30
C TRP B 90 2.95 -11.42 -8.37
N PHE B 91 1.90 -10.62 -8.22
CA PHE B 91 0.77 -10.56 -9.14
C PHE B 91 0.33 -9.14 -9.44
N PHE B 92 -0.24 -8.92 -10.64
CA PHE B 92 -0.74 -7.63 -11.04
C PHE B 92 -2.27 -7.72 -11.08
N PRO B 93 -2.96 -6.90 -10.33
CA PRO B 93 -4.39 -6.95 -10.27
C PRO B 93 -5.06 -6.14 -11.37
N ALA B 94 -5.55 -6.84 -12.40
CA ALA B 94 -5.93 -6.22 -13.69
C ALA B 94 -7.43 -6.17 -13.80
N TYR B 95 -7.96 -4.98 -14.08
CA TYR B 95 -9.40 -4.83 -14.44
C TYR B 95 -9.41 -4.35 -15.88
N ALA B 96 -10.07 -5.14 -16.71
CA ALA B 96 -10.14 -4.93 -18.16
C ALA B 96 -11.30 -4.00 -18.56
N LEU B 97 -10.96 -2.92 -19.26
CA LEU B 97 -11.97 -1.97 -19.77
C LEU B 97 -12.39 -2.37 -21.19
N ARG B 98 -11.81 -3.42 -21.75
CA ARG B 98 -12.17 -3.97 -23.00
C ARG B 98 -11.72 -5.42 -22.98
N ASP B 99 -12.31 -6.27 -23.81
CA ASP B 99 -11.74 -7.60 -24.02
C ASP B 99 -10.23 -7.56 -24.37
N THR B 100 -9.49 -8.40 -23.72
CA THR B 100 -8.03 -8.34 -23.89
C THR B 100 -7.40 -9.72 -23.75
N LYS B 101 -6.25 -9.88 -24.40
CA LYS B 101 -5.46 -11.10 -24.25
C LYS B 101 -4.05 -10.60 -23.99
N ILE B 102 -3.47 -11.00 -22.87
CA ILE B 102 -2.10 -10.64 -22.51
C ILE B 102 -1.30 -11.93 -22.73
N LYS B 103 -0.14 -11.82 -23.35
CA LYS B 103 0.70 -13.00 -23.63
C LYS B 103 1.87 -13.14 -22.58
N LYS B 104 2.26 -14.38 -22.34
CA LYS B 104 3.45 -14.72 -21.53
C LYS B 104 4.60 -13.89 -22.04
N GLY B 105 5.25 -13.19 -21.11
CA GLY B 105 6.37 -12.36 -21.45
C GLY B 105 6.11 -10.92 -21.81
N ASP B 106 4.85 -10.56 -22.02
CA ASP B 106 4.53 -9.18 -22.31
C ASP B 106 4.69 -8.34 -21.06
N ARG B 107 5.34 -7.19 -21.20
CA ARG B 107 5.51 -6.27 -20.13
C ARG B 107 4.23 -5.60 -19.74
N ILE B 108 3.88 -5.67 -18.45
CA ILE B 108 2.63 -5.07 -18.01
C ILE B 108 2.71 -4.09 -16.87
N CYS B 109 3.77 -4.15 -16.06
CA CYS B 109 3.95 -3.20 -15.00
C CYS B 109 5.41 -2.98 -14.69
N GLN B 110 5.72 -2.10 -13.78
CA GLN B 110 7.11 -1.78 -13.45
C GLN B 110 7.25 -1.53 -11.98
N PHE B 111 8.43 -1.75 -11.43
CA PHE B 111 8.68 -1.52 -10.01
C PHE B 111 9.98 -0.82 -9.68
N ARG B 112 10.01 -0.18 -8.51
CA ARG B 112 11.25 0.28 -7.92
C ARG B 112 11.18 -0.03 -6.44
N ILE B 113 12.34 0.12 -5.80
CA ILE B 113 12.44 0.01 -4.38
C ILE B 113 12.56 1.40 -3.75
N MET B 114 12.10 1.49 -2.51
CA MET B 114 12.18 2.73 -1.79
C MET B 114 12.43 2.42 -0.32
N LYS B 115 13.18 3.28 0.36
CA LYS B 115 13.37 3.07 1.80
C LYS B 115 12.02 3.21 2.50
N LYS B 116 11.77 2.33 3.46
CA LYS B 116 10.55 2.32 4.24
C LYS B 116 10.47 3.61 5.10
N MET B 117 9.23 3.97 5.43
CA MET B 117 9.04 5.15 6.26
C MET B 117 9.83 4.99 7.60
N PRO B 118 10.47 6.07 8.08
CA PRO B 118 11.08 5.94 9.38
C PRO B 118 10.00 5.77 10.46
N ALA B 119 10.35 5.16 11.60
CA ALA B 119 9.43 4.97 12.70
C ALA B 119 8.88 6.30 13.19
N VAL B 120 7.56 6.31 13.40
CA VAL B 120 6.84 7.52 13.80
C VAL B 120 5.88 7.16 14.96
N ASP B 121 5.62 8.11 15.83
CA ASP B 121 4.64 7.88 16.89
C ASP B 121 3.28 8.45 16.48
N LEU B 122 2.20 7.68 16.46
CA LEU B 122 0.87 8.27 16.20
C LEU B 122 0.30 8.50 17.56
N ILE B 123 0.01 9.77 17.87
CA ILE B 123 -0.47 10.22 19.15
C ILE B 123 -1.88 10.85 19.02
N GLU B 124 -2.84 10.37 19.78
CA GLU B 124 -4.20 10.93 19.74
C GLU B 124 -4.28 12.26 20.44
N VAL B 125 -4.92 13.23 19.79
CA VAL B 125 -5.27 14.50 20.39
C VAL B 125 -6.75 14.74 20.18
N ASP B 126 -7.36 15.54 21.08
CA ASP B 126 -8.77 15.95 20.92
C ASP B 126 -8.95 17.12 19.94
N ARG B 127 -7.88 17.91 19.71
CA ARG B 127 -7.99 19.12 18.94
C ARG B 127 -6.66 19.35 18.24
N LEU B 128 -6.78 19.63 16.96
CA LEU B 128 -5.67 20.15 16.20
C LEU B 128 -5.80 21.69 16.11
N MET C 1 17.10 22.90 -6.48
CA MET C 1 17.68 22.44 -7.78
C MET C 1 16.82 22.95 -8.93
N GLN C 2 17.34 22.75 -10.13
CA GLN C 2 16.77 23.41 -11.31
C GLN C 2 16.06 22.40 -12.17
N ILE C 3 14.88 22.79 -12.65
CA ILE C 3 14.20 22.07 -13.72
C ILE C 3 14.10 23.09 -14.91
N LYS C 4 14.70 22.74 -16.05
CA LYS C 4 14.57 23.55 -17.30
C LYS C 4 13.25 23.08 -17.94
N ILE C 5 12.34 24.02 -18.25
CA ILE C 5 11.05 23.70 -18.81
C ILE C 5 10.84 24.44 -20.13
N LYS C 6 10.36 23.71 -21.13
CA LYS C 6 10.04 24.23 -22.45
C LYS C 6 8.54 24.09 -22.65
N TYR C 7 7.87 25.16 -22.99
CA TYR C 7 6.47 25.05 -23.37
C TYR C 7 6.22 24.74 -24.86
N LEU C 8 5.08 24.10 -25.15
CA LEU C 8 4.76 23.76 -26.53
C LEU C 8 4.61 25.04 -27.41
N ASP C 9 4.01 26.08 -26.85
CA ASP C 9 3.87 27.36 -27.55
C ASP C 9 3.55 28.48 -26.57
N GLU C 10 3.47 29.68 -27.09
CA GLU C 10 3.19 30.86 -26.30
C GLU C 10 1.80 30.80 -25.64
N THR C 11 0.88 29.98 -26.19
CA THR C 11 -0.50 29.93 -25.69
C THR C 11 -0.60 29.15 -24.38
N GLN C 12 0.45 28.39 -24.02
CA GLN C 12 0.43 27.58 -22.78
C GLN C 12 0.55 28.46 -21.54
N THR C 13 -0.29 28.16 -20.55
CA THR C 13 -0.29 28.85 -19.31
C THR C 13 0.95 28.45 -18.58
N ARG C 14 1.79 29.39 -18.29
CA ARG C 14 3.00 29.07 -17.55
C ARG C 14 2.69 28.55 -16.14
N ILE C 15 3.52 27.64 -15.66
CA ILE C 15 3.29 27.02 -14.34
C ILE C 15 3.75 28.04 -13.30
N MET C 18 3.67 28.43 -6.05
CA MET C 18 4.37 27.16 -5.88
C MET C 18 5.25 27.18 -4.64
N GLU C 19 4.64 26.96 -3.48
CA GLU C 19 5.40 26.96 -2.18
C GLU C 19 6.39 25.77 -2.11
N GLN C 20 7.45 25.93 -1.30
CA GLN C 20 8.54 24.95 -1.28
C GLN C 20 8.06 23.51 -0.94
N GLY C 21 8.31 22.58 -1.87
CA GLY C 21 7.89 21.22 -1.67
C GLY C 21 6.49 20.81 -2.08
N ASP C 22 5.60 21.74 -2.44
CA ASP C 22 4.25 21.36 -2.83
C ASP C 22 4.38 20.71 -4.21
N TRP C 23 3.52 19.74 -4.50
CA TRP C 23 3.39 19.24 -5.87
C TRP C 23 2.92 20.37 -6.80
N ILE C 24 3.30 20.23 -8.06
CA ILE C 24 3.19 21.32 -9.03
C ILE C 24 2.11 20.92 -10.01
N ASP C 25 1.12 21.81 -10.21
CA ASP C 25 0.06 21.55 -11.14
C ASP C 25 0.40 21.67 -12.61
N LEU C 26 -0.09 20.70 -13.37
CA LEU C 26 0.08 20.70 -14.82
C LEU C 26 -1.30 20.89 -15.47
N ARG C 27 -1.26 21.53 -16.66
CA ARG C 27 -2.45 22.02 -17.35
C ARG C 27 -2.62 21.41 -18.75
N ALA C 28 -3.89 21.21 -19.12
CA ALA C 28 -4.32 20.80 -20.48
C ALA C 28 -3.78 21.76 -21.51
N ALA C 29 -3.19 21.23 -22.58
CA ALA C 29 -2.55 22.05 -23.59
C ALA C 29 -3.55 22.45 -24.65
N GLU C 30 -4.66 21.76 -24.72
CA GLU C 30 -5.71 22.10 -25.67
C GLU C 30 -7.06 21.70 -25.03
N ASP C 31 -8.15 22.20 -25.57
CA ASP C 31 -9.48 21.71 -25.17
C ASP C 31 -9.54 20.24 -25.60
N VAL C 32 -10.16 19.38 -24.78
CA VAL C 32 -10.30 17.95 -25.10
C VAL C 32 -11.72 17.57 -24.62
N ALA C 33 -12.48 16.92 -25.48
CA ALA C 33 -13.78 16.36 -25.16
C ALA C 33 -13.61 14.84 -25.15
N ILE C 34 -14.13 14.13 -24.15
CA ILE C 34 -14.06 12.68 -24.11
C ILE C 34 -15.46 12.15 -23.80
N LYS C 35 -15.91 11.13 -24.55
CA LYS C 35 -17.18 10.48 -24.25
C LYS C 35 -17.04 9.50 -23.07
N LYS C 36 -18.16 9.20 -22.43
CA LYS C 36 -18.17 8.24 -21.37
C LYS C 36 -17.59 6.97 -21.91
N ASP C 37 -16.75 6.32 -21.12
CA ASP C 37 -16.12 5.06 -21.46
C ASP C 37 -15.24 5.08 -22.68
N GLU C 38 -14.62 6.24 -22.88
CA GLU C 38 -13.58 6.38 -23.87
C GLU C 38 -12.34 7.04 -23.25
N PHE C 39 -11.29 7.03 -24.04
CA PHE C 39 -9.96 7.38 -23.61
C PHE C 39 -9.42 8.45 -24.52
N LYS C 40 -8.63 9.34 -23.92
CA LYS C 40 -7.85 10.32 -24.64
C LYS C 40 -6.55 10.69 -23.91
N LEU C 41 -5.44 10.73 -24.64
CA LEU C 41 -4.16 11.25 -24.13
C LEU C 41 -4.19 12.75 -24.11
N VAL C 42 -4.24 13.37 -22.94
CA VAL C 42 -4.43 14.80 -22.85
C VAL C 42 -3.03 15.42 -22.84
N PRO C 43 -2.74 16.25 -23.87
CA PRO C 43 -1.46 16.89 -23.83
C PRO C 43 -1.31 17.91 -22.70
N LEU C 44 -0.11 17.95 -22.09
CA LEU C 44 0.19 18.87 -20.98
C LEU C 44 1.06 20.04 -21.46
N GLY C 45 1.63 19.94 -22.68
CA GLY C 45 2.27 21.10 -23.32
C GLY C 45 3.62 21.54 -22.77
N VAL C 46 4.22 20.64 -22.00
CA VAL C 46 5.48 20.90 -21.33
C VAL C 46 6.43 19.74 -21.58
N ALA C 47 7.70 20.07 -21.74
CA ALA C 47 8.78 19.12 -21.78
C ALA C 47 9.82 19.69 -20.76
N MET C 48 10.54 18.82 -20.08
CA MET C 48 11.45 19.23 -19.01
C MET C 48 12.72 18.44 -18.98
N GLU C 49 13.77 19.12 -18.53
CA GLU C 49 15.02 18.51 -18.14
C GLU C 49 15.08 18.44 -16.61
N LEU C 50 14.81 17.23 -16.10
CA LEU C 50 14.83 16.95 -14.69
C LEU C 50 16.28 16.88 -14.18
N PRO C 51 16.46 17.19 -12.88
CA PRO C 51 17.81 17.11 -12.33
C PRO C 51 18.43 15.73 -12.40
N GLU C 52 19.76 15.72 -12.53
CA GLU C 52 20.46 14.44 -12.71
C GLU C 52 20.19 13.53 -11.55
N GLY C 53 19.84 12.27 -11.82
CA GLY C 53 19.50 11.32 -10.77
C GLY C 53 18.09 11.33 -10.14
N TYR C 54 17.17 12.09 -10.74
CA TYR C 54 15.83 12.27 -10.29
C TYR C 54 14.85 11.76 -11.37
N GLU C 55 13.61 11.57 -10.93
CA GLU C 55 12.50 11.24 -11.77
C GLU C 55 11.34 12.10 -11.35
N ALA C 56 10.27 12.10 -12.13
CA ALA C 56 9.03 12.80 -11.76
C ALA C 56 7.91 11.80 -11.66
N HIS C 57 7.00 12.00 -10.70
CA HIS C 57 5.83 11.18 -10.49
C HIS C 57 4.61 12.08 -10.76
N VAL C 58 3.63 11.64 -11.54
CA VAL C 58 2.49 12.42 -11.94
C VAL C 58 1.22 11.65 -11.51
N VAL C 59 0.41 12.32 -10.71
CA VAL C 59 -0.91 11.80 -10.29
C VAL C 59 -2.00 12.84 -10.57
N PRO C 60 -3.25 12.37 -10.70
CA PRO C 60 -4.36 13.36 -10.73
C PRO C 60 -4.39 14.28 -9.56
N ARG C 61 -4.93 15.49 -9.74
CA ARG C 61 -5.23 16.33 -8.57
C ARG C 61 -6.36 15.69 -7.82
N SER C 62 -6.50 16.06 -6.55
CA SER C 62 -7.58 15.46 -5.77
CA SER C 62 -7.58 15.56 -5.72
C SER C 62 -8.96 15.82 -6.34
N SER C 63 -9.12 16.95 -7.04
CA SER C 63 -10.41 17.43 -7.55
C SER C 63 -10.62 16.99 -9.02
N THR C 64 -9.65 16.30 -9.61
CA THR C 64 -9.76 15.87 -11.05
C THR C 64 -11.02 15.06 -11.38
N TYR C 65 -11.32 14.09 -10.55
CA TYR C 65 -12.46 13.25 -10.83
C TYR C 65 -13.78 14.01 -10.66
N LYS C 66 -13.95 14.73 -9.53
CA LYS C 66 -15.14 15.52 -9.31
C LYS C 66 -15.32 16.49 -10.46
N ASN C 67 -14.23 17.16 -10.87
CA ASN C 67 -14.31 18.21 -11.92
C ASN C 67 -14.55 17.67 -13.33
N PHE C 68 -13.83 16.60 -13.68
CA PHE C 68 -13.70 16.19 -15.04
C PHE C 68 -14.09 14.72 -15.35
N GLY C 69 -14.31 13.88 -14.31
CA GLY C 69 -14.89 12.54 -14.53
C GLY C 69 -13.91 11.55 -15.13
N VAL C 70 -12.64 11.81 -14.95
CA VAL C 70 -11.62 10.99 -15.55
C VAL C 70 -10.71 10.37 -14.47
N ILE C 71 -10.16 9.21 -14.81
CA ILE C 71 -9.07 8.61 -14.02
C ILE C 71 -7.81 8.56 -14.89
N GLN C 72 -6.64 8.36 -14.29
CA GLN C 72 -5.36 8.32 -14.97
C GLN C 72 -5.00 6.82 -15.14
N THR C 73 -5.05 6.33 -16.38
CA THR C 73 -5.03 4.88 -16.66
C THR C 73 -3.76 4.17 -16.22
N ASN C 74 -2.64 4.89 -16.16
CA ASN C 74 -1.40 4.32 -15.61
C ASN C 74 -1.14 4.55 -14.14
N SER C 75 -2.18 4.95 -13.43
CA SER C 75 -2.20 5.22 -11.98
C SER C 75 -1.33 6.41 -11.66
N MET C 76 -0.01 6.22 -11.71
CA MET C 76 1.02 7.25 -11.42
C MET C 76 2.01 7.18 -12.57
N GLY C 77 2.16 8.28 -13.28
CA GLY C 77 3.16 8.34 -14.33
C GLY C 77 4.54 8.54 -13.73
N VAL C 78 5.53 7.89 -14.31
CA VAL C 78 6.89 8.02 -13.94
C VAL C 78 7.68 8.58 -15.11
N ILE C 79 8.34 9.71 -14.96
CA ILE C 79 9.11 10.31 -16.03
C ILE C 79 10.56 10.36 -15.63
N ASP C 80 11.39 9.57 -16.31
CA ASP C 80 12.79 9.50 -15.98
C ASP C 80 13.57 10.72 -16.45
N GLU C 81 14.67 10.95 -15.78
CA GLU C 81 15.62 11.99 -16.21
C GLU C 81 16.00 11.96 -17.71
N SER C 82 16.07 10.74 -18.29
CA SER C 82 16.46 10.63 -19.70
C SER C 82 15.44 11.25 -20.66
N TYR C 83 14.19 11.47 -20.24
CA TYR C 83 13.10 12.04 -21.09
C TYR C 83 13.23 13.57 -21.08
N LYS C 84 14.35 14.06 -21.64
CA LYS C 84 14.74 15.45 -21.52
C LYS C 84 14.96 16.13 -22.88
N GLY C 85 14.45 15.50 -23.94
CA GLY C 85 14.70 15.98 -25.29
C GLY C 85 13.74 17.10 -25.67
N ASP C 86 14.08 17.75 -26.78
CA ASP C 86 13.34 18.95 -27.23
C ASP C 86 11.89 18.61 -27.63
N ASN C 87 11.59 17.34 -27.91
CA ASN C 87 10.24 16.94 -28.26
C ASN C 87 9.67 15.95 -27.28
N ASP C 88 10.23 15.90 -26.06
CA ASP C 88 9.76 14.96 -25.08
C ASP C 88 8.61 15.59 -24.22
N PHE C 89 7.46 15.76 -24.81
CA PHE C 89 6.33 16.40 -24.16
C PHE C 89 5.59 15.46 -23.25
N TRP C 90 4.92 16.03 -22.24
CA TRP C 90 4.23 15.21 -21.27
C TRP C 90 2.74 15.11 -21.59
N PHE C 91 2.16 14.00 -21.22
CA PHE C 91 0.71 13.74 -21.43
C PHE C 91 0.10 13.14 -20.19
N PHE C 92 -1.22 13.29 -20.09
CA PHE C 92 -2.02 12.67 -19.05
C PHE C 92 -3.01 11.73 -19.71
N PRO C 93 -2.89 10.40 -19.49
CA PRO C 93 -3.72 9.40 -20.10
C PRO C 93 -5.06 9.24 -19.36
N ALA C 94 -6.08 9.80 -19.93
CA ALA C 94 -7.38 9.97 -19.28
C ALA C 94 -8.43 8.98 -19.83
N TYR C 95 -9.05 8.20 -18.92
CA TYR C 95 -10.20 7.40 -19.23
C TYR C 95 -11.40 8.08 -18.54
N ALA C 96 -12.40 8.39 -19.34
CA ALA C 96 -13.63 9.08 -18.92
C ALA C 96 -14.68 8.07 -18.46
N LEU C 97 -15.08 8.20 -17.20
CA LEU C 97 -16.16 7.49 -16.63
C LEU C 97 -17.50 8.23 -16.79
N ARG C 98 -17.47 9.52 -17.11
N ARG C 98 -17.35 9.49 -17.22
CA ARG C 98 -18.63 10.22 -17.66
CA ARG C 98 -18.49 10.30 -17.66
C ARG C 98 -18.25 11.16 -18.81
C ARG C 98 -18.17 11.10 -18.93
N ASP C 99 -19.22 11.51 -19.63
CA ASP C 99 -18.91 12.43 -20.72
C ASP C 99 -18.29 13.66 -20.09
N THR C 100 -17.28 14.22 -20.74
CA THR C 100 -16.58 15.32 -20.16
C THR C 100 -15.94 16.27 -21.15
N LYS C 101 -15.63 17.47 -20.67
CA LYS C 101 -14.99 18.50 -21.45
C LYS C 101 -13.91 19.13 -20.59
N ILE C 102 -12.66 19.12 -21.05
CA ILE C 102 -11.52 19.77 -20.38
C ILE C 102 -11.09 20.98 -21.22
N LYS C 103 -10.92 22.13 -20.62
CA LYS C 103 -10.52 23.29 -21.41
C LYS C 103 -9.04 23.54 -21.33
N LYS C 104 -8.49 24.10 -22.39
CA LYS C 104 -7.08 24.57 -22.41
C LYS C 104 -6.80 25.40 -21.19
N GLY C 105 -5.75 25.03 -20.48
CA GLY C 105 -5.34 25.71 -19.28
C GLY C 105 -5.89 25.12 -17.98
N ASP C 106 -6.86 24.19 -18.06
CA ASP C 106 -7.35 23.57 -16.83
C ASP C 106 -6.25 22.73 -16.15
N ARG C 107 -6.15 22.85 -14.84
CA ARG C 107 -5.20 22.07 -14.07
C ARG C 107 -5.83 20.71 -13.89
N ILE C 108 -5.15 19.66 -14.35
CA ILE C 108 -5.67 18.28 -14.30
C ILE C 108 -4.85 17.24 -13.61
N CYS C 109 -3.56 17.49 -13.39
CA CYS C 109 -2.71 16.59 -12.68
C CYS C 109 -1.58 17.39 -12.00
N GLN C 110 -0.73 16.69 -11.28
CA GLN C 110 0.25 17.32 -10.44
C GLN C 110 1.45 16.43 -10.38
N PHE C 111 2.63 17.01 -10.20
CA PHE C 111 3.82 16.25 -10.13
C PHE C 111 4.79 16.72 -9.07
N ARG C 112 5.69 15.80 -8.70
CA ARG C 112 6.85 16.10 -7.88
C ARG C 112 8.03 15.33 -8.42
N ILE C 113 9.21 15.78 -7.99
CA ILE C 113 10.43 14.99 -8.26
C ILE C 113 10.77 14.12 -7.06
N MET C 114 11.44 13.01 -7.34
CA MET C 114 11.96 12.09 -6.32
C MET C 114 13.32 11.57 -6.80
N LYS C 115 14.28 11.42 -5.90
CA LYS C 115 15.51 10.73 -6.24
C LYS C 115 15.20 9.32 -6.75
N LYS C 116 15.92 8.88 -7.76
CA LYS C 116 15.79 7.53 -8.30
C LYS C 116 16.39 6.54 -7.32
N MET C 117 15.97 5.32 -7.49
CA MET C 117 16.40 4.32 -6.56
C MET C 117 17.91 4.14 -6.77
N PRO C 118 18.61 3.72 -5.71
CA PRO C 118 20.03 3.35 -5.77
C PRO C 118 20.36 2.29 -6.82
N ALA C 119 21.60 2.23 -7.31
CA ALA C 119 21.97 1.10 -8.17
C ALA C 119 21.90 -0.18 -7.25
N VAL C 120 21.34 -1.24 -7.82
CA VAL C 120 21.17 -2.46 -7.04
C VAL C 120 21.48 -3.58 -8.02
N ASP C 121 22.10 -4.64 -7.53
CA ASP C 121 22.31 -5.84 -8.36
C ASP C 121 21.14 -6.84 -8.24
N LEU C 122 20.55 -7.21 -9.36
CA LEU C 122 19.50 -8.20 -9.43
C LEU C 122 20.14 -9.53 -9.66
N ILE C 123 20.05 -10.42 -8.69
CA ILE C 123 20.80 -11.67 -8.71
C ILE C 123 19.77 -12.80 -8.74
N GLU C 124 19.75 -13.58 -9.83
CA GLU C 124 18.81 -14.71 -9.87
C GLU C 124 19.26 -15.82 -8.88
N VAL C 125 18.30 -16.38 -8.17
CA VAL C 125 18.49 -17.51 -7.26
C VAL C 125 17.49 -18.61 -7.63
N ASP C 126 17.79 -19.83 -7.25
CA ASP C 126 16.83 -20.94 -7.45
C ASP C 126 15.75 -21.13 -6.37
N ARG C 127 15.95 -20.51 -5.23
CA ARG C 127 14.97 -20.63 -4.14
C ARG C 127 15.14 -19.48 -3.18
N LEU C 128 14.10 -19.21 -2.43
CA LEU C 128 14.13 -18.18 -1.36
C LEU C 128 13.78 -18.83 0.02
N MET D 1 -11.29 -29.06 10.54
CA MET D 1 -11.81 -27.83 11.23
C MET D 1 -11.10 -26.57 10.72
N GLN D 2 -11.74 -25.43 10.89
CA GLN D 2 -11.19 -24.18 10.35
C GLN D 2 -10.92 -23.27 11.51
N ILE D 3 -9.78 -22.58 11.46
CA ILE D 3 -9.52 -21.44 12.32
C ILE D 3 -9.41 -20.23 11.40
N LYS D 4 -10.24 -19.21 11.63
CA LYS D 4 -10.10 -17.93 10.93
C LYS D 4 -8.96 -17.09 11.56
N ILE D 5 -8.05 -16.57 10.73
CA ILE D 5 -6.89 -15.83 11.21
C ILE D 5 -6.80 -14.47 10.52
N LYS D 6 -6.60 -13.42 11.36
CA LYS D 6 -6.45 -12.04 10.91
C LYS D 6 -5.07 -11.57 11.36
N TYR D 7 -4.31 -11.08 10.38
CA TYR D 7 -3.00 -10.56 10.67
C TYR D 7 -3.10 -9.09 10.96
N LEU D 8 -2.19 -8.64 11.80
CA LEU D 8 -2.09 -7.25 12.16
C LEU D 8 -1.88 -6.35 10.96
N ASP D 9 -1.08 -6.82 10.01
CA ASP D 9 -0.88 -6.07 8.80
C ASP D 9 -0.16 -6.94 7.78
N GLU D 10 0.17 -6.32 6.64
CA GLU D 10 0.72 -7.05 5.54
C GLU D 10 2.17 -7.53 5.70
N THR D 11 2.89 -6.96 6.68
CA THR D 11 4.28 -7.31 6.98
C THR D 11 4.44 -8.54 7.89
N GLN D 12 3.33 -9.08 8.40
CA GLN D 12 3.41 -10.27 9.24
C GLN D 12 3.65 -11.49 8.38
N THR D 13 4.59 -12.35 8.80
CA THR D 13 4.87 -13.56 8.01
C THR D 13 3.70 -14.45 8.24
N ARG D 14 3.05 -14.87 7.15
CA ARG D 14 1.92 -15.77 7.23
C ARG D 14 2.34 -17.15 7.78
N ILE D 15 1.48 -17.70 8.62
CA ILE D 15 1.55 -19.10 9.14
C ILE D 15 0.81 -19.98 8.13
N GLY D 21 -1.25 -33.26 12.50
CA GLY D 21 -1.71 -32.38 13.68
C GLY D 21 -0.65 -31.71 14.60
N ASP D 22 0.45 -31.28 13.99
CA ASP D 22 1.54 -30.69 14.74
C ASP D 22 1.16 -29.34 15.33
N TRP D 23 1.77 -28.98 16.45
CA TRP D 23 1.58 -27.61 16.97
C TRP D 23 2.06 -26.58 15.93
N ILE D 24 1.49 -25.38 15.98
CA ILE D 24 1.72 -24.39 14.94
C ILE D 24 2.55 -23.26 15.51
N ASP D 25 3.62 -22.87 14.84
CA ASP D 25 4.50 -21.84 15.33
C ASP D 25 3.96 -20.42 15.09
N LEU D 26 4.17 -19.56 16.09
CA LEU D 26 3.74 -18.15 16.06
C LEU D 26 5.00 -17.30 16.11
N ARG D 27 4.95 -16.14 15.46
CA ARG D 27 6.14 -15.31 15.33
C ARG D 27 5.98 -13.87 15.79
N ALA D 28 7.09 -13.33 16.26
CA ALA D 28 7.18 -11.96 16.74
C ALA D 28 6.73 -10.97 15.67
N ALA D 29 5.85 -10.05 16.04
CA ALA D 29 5.27 -9.06 15.09
C ALA D 29 6.18 -7.87 14.92
N GLU D 30 7.15 -7.75 15.79
CA GLU D 30 8.13 -6.63 15.75
C GLU D 30 9.47 -7.00 16.39
N ASP D 31 10.50 -6.24 16.04
CA ASP D 31 11.76 -6.33 16.74
C ASP D 31 11.57 -5.95 18.24
N VAL D 32 12.16 -6.75 19.11
CA VAL D 32 12.00 -6.59 20.53
C VAL D 32 13.37 -6.78 21.16
N ALA D 33 13.78 -5.81 21.97
CA ALA D 33 15.04 -5.87 22.72
C ALA D 33 14.69 -5.95 24.21
N ILE D 34 15.18 -6.97 24.92
CA ILE D 34 14.82 -7.16 26.34
C ILE D 34 16.09 -7.38 27.10
N LYS D 35 16.36 -6.57 28.15
CA LYS D 35 17.50 -6.84 28.99
C LYS D 35 17.20 -7.90 30.05
N LYS D 36 18.25 -8.48 30.62
CA LYS D 36 18.15 -9.44 31.70
C LYS D 36 17.21 -8.88 32.75
N ASP D 37 16.25 -9.69 33.17
CA ASP D 37 15.34 -9.37 34.27
C ASP D 37 14.28 -8.33 33.96
N GLU D 38 14.02 -8.18 32.68
CA GLU D 38 12.96 -7.33 32.19
C GLU D 38 11.90 -8.20 31.59
N PHE D 39 10.69 -7.68 31.64
CA PHE D 39 9.53 -8.32 31.06
C PHE D 39 9.12 -7.54 29.79
N LYS D 40 8.59 -8.24 28.78
CA LYS D 40 8.01 -7.61 27.59
C LYS D 40 6.87 -8.44 27.09
N LEU D 41 5.70 -7.82 26.92
CA LEU D 41 4.62 -8.51 26.18
C LEU D 41 4.83 -8.44 24.64
N VAL D 42 5.24 -9.56 24.05
CA VAL D 42 5.69 -9.60 22.62
C VAL D 42 4.49 -9.82 21.77
N PRO D 43 4.19 -8.84 20.90
CA PRO D 43 3.03 -9.05 20.04
C PRO D 43 3.32 -10.21 19.04
N LEU D 44 2.30 -11.04 18.81
CA LEU D 44 2.42 -12.12 17.77
C LEU D 44 1.75 -11.78 16.43
N GLY D 45 1.03 -10.65 16.43
CA GLY D 45 0.47 -10.07 15.17
C GLY D 45 -0.65 -10.89 14.53
N VAL D 46 -1.28 -11.75 15.35
CA VAL D 46 -2.41 -12.52 14.86
C VAL D 46 -3.58 -12.39 15.81
N ALA D 47 -4.79 -12.41 15.27
CA ALA D 47 -6.01 -12.59 16.06
C ALA D 47 -6.76 -13.75 15.38
N MET D 48 -7.51 -14.57 16.14
CA MET D 48 -8.14 -15.75 15.56
C MET D 48 -9.50 -15.99 16.11
N GLU D 49 -10.35 -16.63 15.31
CA GLU D 49 -11.63 -17.14 15.75
C GLU D 49 -11.50 -18.64 15.67
N LEU D 50 -11.40 -19.25 16.85
CA LEU D 50 -11.25 -20.69 16.98
C LEU D 50 -12.58 -21.42 16.76
N PRO D 51 -12.51 -22.73 16.48
CA PRO D 51 -13.80 -23.41 16.32
C PRO D 51 -14.65 -23.45 17.57
N GLU D 52 -15.96 -23.45 17.35
CA GLU D 52 -16.91 -23.48 18.47
C GLU D 52 -16.60 -24.63 19.45
N GLY D 53 -16.49 -24.30 20.74
CA GLY D 53 -16.24 -25.28 21.82
C GLY D 53 -14.80 -25.72 21.99
N TYR D 54 -13.86 -24.94 21.43
CA TYR D 54 -12.46 -25.21 21.47
C TYR D 54 -11.72 -24.03 22.14
N GLU D 55 -10.51 -24.31 22.64
CA GLU D 55 -9.60 -23.31 23.15
C GLU D 55 -8.22 -23.58 22.60
N ALA D 56 -7.36 -22.58 22.63
CA ALA D 56 -5.98 -22.75 22.20
C ALA D 56 -5.08 -22.69 23.42
N HIS D 57 -4.05 -23.51 23.36
CA HIS D 57 -2.95 -23.52 24.33
C HIS D 57 -1.65 -23.06 23.69
N VAL D 58 -0.91 -22.14 24.33
CA VAL D 58 0.30 -21.59 23.76
C VAL D 58 1.42 -21.82 24.74
N VAL D 59 2.48 -22.41 24.25
CA VAL D 59 3.72 -22.61 25.06
C VAL D 59 4.93 -22.20 24.28
N PRO D 60 6.03 -22.04 24.99
CA PRO D 60 7.22 -21.70 24.18
C PRO D 60 7.61 -22.84 23.26
N ARG D 61 8.35 -22.51 22.19
CA ARG D 61 8.96 -23.64 21.41
C ARG D 61 10.11 -24.21 22.25
N SER D 62 10.50 -25.47 21.96
CA SER D 62 11.58 -26.13 22.69
CA SER D 62 11.60 -26.15 22.63
C SER D 62 12.87 -25.33 22.60
N SER D 63 13.11 -24.67 21.47
CA SER D 63 14.33 -23.94 21.31
C SER D 63 14.24 -22.47 21.75
N THR D 64 13.08 -22.02 22.17
CA THR D 64 12.98 -20.58 22.57
C THR D 64 13.99 -20.14 23.61
N TYR D 65 14.20 -20.90 24.67
CA TYR D 65 15.08 -20.37 25.75
C TYR D 65 16.55 -20.33 25.27
N LYS D 66 16.98 -21.34 24.53
CA LYS D 66 18.35 -21.38 24.00
C LYS D 66 18.55 -20.21 23.02
N ASN D 67 17.60 -19.98 22.12
CA ASN D 67 17.73 -18.98 21.04
C ASN D 67 17.56 -17.56 21.60
N PHE D 68 16.60 -17.40 22.51
CA PHE D 68 16.16 -16.09 22.96
C PHE D 68 16.31 -15.76 24.45
N GLY D 69 16.50 -16.75 25.31
CA GLY D 69 16.70 -16.47 26.72
C GLY D 69 15.52 -15.99 27.53
N VAL D 70 14.35 -16.31 27.07
CA VAL D 70 13.09 -15.92 27.70
C VAL D 70 12.26 -17.12 28.14
N ILE D 71 11.49 -16.90 29.20
CA ILE D 71 10.46 -17.83 29.63
C ILE D 71 9.15 -17.07 29.44
N GLN D 72 8.09 -17.86 29.47
CA GLN D 72 6.70 -17.39 29.32
C GLN D 72 6.13 -17.35 30.71
N THR D 73 5.80 -16.14 31.14
CA THR D 73 5.44 -15.87 32.57
C THR D 73 4.15 -16.56 33.00
N ASN D 74 3.22 -16.69 32.05
CA ASN D 74 1.95 -17.39 32.33
C ASN D 74 2.04 -18.93 32.21
N SER D 75 3.21 -19.49 32.05
CA SER D 75 3.38 -20.92 31.79
C SER D 75 2.82 -21.35 30.48
N MET D 76 1.51 -21.43 30.39
CA MET D 76 0.77 -21.82 29.20
C MET D 76 -0.34 -20.83 29.05
N GLY D 77 -0.41 -20.14 27.91
CA GLY D 77 -1.50 -19.21 27.55
C GLY D 77 -2.73 -20.08 27.22
N VAL D 78 -3.92 -19.68 27.71
CA VAL D 78 -5.15 -20.34 27.34
C VAL D 78 -5.99 -19.27 26.67
N ILE D 79 -6.36 -19.50 25.39
CA ILE D 79 -7.15 -18.58 24.62
C ILE D 79 -8.51 -19.24 24.34
N ASP D 80 -9.56 -18.63 24.91
CA ASP D 80 -10.91 -19.15 24.79
C ASP D 80 -11.49 -18.78 23.45
N GLU D 81 -12.40 -19.64 22.97
CA GLU D 81 -13.20 -19.36 21.76
C GLU D 81 -13.77 -17.93 21.71
N SER D 82 -14.10 -17.36 22.89
CA SER D 82 -14.72 -16.03 22.97
C SER D 82 -13.78 -14.91 22.64
N TYR D 83 -12.47 -15.19 22.67
CA TYR D 83 -11.46 -14.17 22.36
C TYR D 83 -11.30 -14.13 20.81
N LYS D 84 -12.33 -13.67 20.12
CA LYS D 84 -12.41 -13.79 18.64
C LYS D 84 -12.70 -12.45 17.99
N GLY D 85 -12.47 -11.38 18.76
CA GLY D 85 -12.74 -10.03 18.33
C GLY D 85 -11.73 -9.47 17.34
N ASP D 86 -12.12 -8.37 16.71
CA ASP D 86 -11.29 -7.75 15.68
C ASP D 86 -9.96 -7.21 16.21
N ASN D 87 -9.93 -6.88 17.49
CA ASN D 87 -8.71 -6.37 18.11
C ASN D 87 -8.13 -7.34 19.16
N ASP D 88 -8.55 -8.59 19.11
CA ASP D 88 -8.16 -9.60 20.09
C ASP D 88 -6.86 -10.26 19.63
N PHE D 89 -5.77 -9.49 19.61
CA PHE D 89 -4.51 -9.98 19.11
C PHE D 89 -3.81 -10.82 20.16
N TRP D 90 -2.96 -11.77 19.74
CA TRP D 90 -2.26 -12.61 20.66
C TRP D 90 -0.85 -12.08 21.01
N PHE D 91 -0.45 -12.31 22.25
CA PHE D 91 0.86 -11.89 22.75
C PHE D 91 1.55 -13.04 23.47
N PHE D 92 2.88 -12.97 23.50
CA PHE D 92 3.71 -13.86 24.27
C PHE D 92 4.36 -13.09 25.39
N PRO D 93 3.99 -13.40 26.65
CA PRO D 93 4.54 -12.69 27.81
C PRO D 93 5.92 -13.17 28.21
N ALA D 94 6.96 -12.43 27.83
CA ALA D 94 8.37 -12.91 27.90
C ALA D 94 9.05 -12.27 29.11
N TYR D 95 9.75 -13.07 29.92
CA TYR D 95 10.63 -12.58 30.95
C TYR D 95 12.02 -13.10 30.57
N ALA D 96 12.95 -12.16 30.48
CA ALA D 96 14.29 -12.44 29.99
C ALA D 96 15.24 -12.81 31.10
N LEU D 97 15.85 -13.98 31.00
CA LEU D 97 16.90 -14.41 31.95
C LEU D 97 18.30 -14.04 31.50
N ARG D 98 18.41 -13.41 30.32
CA ARG D 98 19.64 -12.89 29.80
C ARG D 98 19.30 -11.81 28.81
N ASP D 99 20.23 -10.85 28.59
CA ASP D 99 19.98 -9.83 27.57
C ASP D 99 19.70 -10.56 26.25
N THR D 100 18.74 -10.07 25.48
CA THR D 100 18.32 -10.72 24.25
C THR D 100 17.70 -9.76 23.29
N LYS D 101 17.68 -10.16 22.03
CA LYS D 101 16.90 -9.52 20.98
C LYS D 101 16.07 -10.52 20.17
N ILE D 102 14.83 -10.17 19.85
CA ILE D 102 14.00 -11.04 19.01
C ILE D 102 13.76 -10.18 17.79
N LYS D 103 13.84 -10.79 16.62
CA LYS D 103 13.62 -10.07 15.37
C LYS D 103 12.20 -10.36 14.88
N LYS D 104 11.59 -9.36 14.26
CA LYS D 104 10.30 -9.52 13.60
C LYS D 104 10.35 -10.74 12.72
N GLY D 105 9.32 -11.57 12.81
CA GLY D 105 9.25 -12.81 12.14
C GLY D 105 9.89 -14.01 12.82
N ASP D 106 10.66 -13.83 13.87
CA ASP D 106 11.22 -14.98 14.58
C ASP D 106 10.09 -15.86 15.22
N ARG D 107 10.22 -17.17 15.04
CA ARG D 107 9.29 -18.06 15.69
C ARG D 107 9.69 -18.03 17.16
N ILE D 108 8.70 -17.83 18.03
CA ILE D 108 8.94 -17.79 19.49
C ILE D 108 8.05 -18.64 20.38
N CYS D 109 6.92 -19.07 19.87
CA CYS D 109 6.02 -19.93 20.64
C CYS D 109 5.20 -20.74 19.66
N GLN D 110 4.35 -21.59 20.21
CA GLN D 110 3.59 -22.55 19.45
C GLN D 110 2.28 -22.81 20.09
N PHE D 111 1.27 -23.19 19.26
CA PHE D 111 -0.04 -23.43 19.82
C PHE D 111 -0.72 -24.64 19.20
N ARG D 112 -1.72 -25.13 19.93
CA ARG D 112 -2.59 -26.21 19.48
C ARG D 112 -3.98 -25.99 20.11
N ILE D 113 -5.03 -26.40 19.39
CA ILE D 113 -6.41 -26.33 19.90
C ILE D 113 -6.77 -27.59 20.66
N MET D 114 -7.72 -27.47 21.55
CA MET D 114 -8.21 -28.62 22.30
C MET D 114 -9.64 -28.34 22.65
N LYS D 115 -10.45 -29.38 22.73
CA LYS D 115 -11.82 -29.19 23.10
C LYS D 115 -11.85 -28.65 24.54
N LYS D 116 -12.78 -27.74 24.80
CA LYS D 116 -13.02 -27.21 26.13
C LYS D 116 -13.59 -28.30 27.02
N MET D 117 -13.44 -28.13 28.33
CA MET D 117 -13.97 -29.16 29.25
C MET D 117 -15.46 -29.18 29.20
N PRO D 118 -16.06 -30.34 29.48
CA PRO D 118 -17.51 -30.43 29.60
C PRO D 118 -18.08 -29.49 30.71
N ALA D 119 -19.38 -29.20 30.62
CA ALA D 119 -20.14 -28.56 31.72
C ALA D 119 -19.84 -29.26 33.03
N VAL D 120 -19.34 -28.49 34.00
CA VAL D 120 -19.14 -29.00 35.35
C VAL D 120 -20.10 -28.30 36.30
N ASP D 121 -20.62 -29.04 37.25
CA ASP D 121 -21.37 -28.47 38.35
C ASP D 121 -20.52 -28.59 39.59
N LEU D 122 -20.22 -27.46 40.25
CA LEU D 122 -19.47 -27.52 41.53
C LEU D 122 -20.42 -27.64 42.70
N ILE D 123 -20.31 -28.73 43.46
CA ILE D 123 -21.18 -29.01 44.61
C ILE D 123 -20.40 -28.88 45.92
N GLU D 124 -20.77 -27.92 46.76
CA GLU D 124 -20.03 -27.72 48.03
C GLU D 124 -20.37 -28.79 49.05
N VAL D 125 -19.36 -29.32 49.73
CA VAL D 125 -19.53 -30.31 50.80
C VAL D 125 -18.71 -29.92 52.02
N ASP D 126 -19.03 -30.49 53.17
CA ASP D 126 -18.34 -30.15 54.42
C ASP D 126 -17.18 -31.08 54.70
N ARG D 127 -17.18 -32.26 54.08
CA ARG D 127 -16.12 -33.22 54.35
C ARG D 127 -15.88 -34.07 53.07
N LEU D 128 -14.62 -34.33 52.76
CA LEU D 128 -14.28 -35.13 51.58
C LEU D 128 -13.89 -36.54 51.96
#